data_4BRV
#
_entry.id   4BRV
#
_cell.length_a   54.908
_cell.length_b   74.796
_cell.length_c   68.754
_cell.angle_alpha   90.00
_cell.angle_beta   106.69
_cell.angle_gamma   90.00
#
_symmetry.space_group_name_H-M   'P 1 21 1'
#
loop_
_entity.id
_entity.type
_entity.pdbx_description
1 polymer 'DESULFOFERRODOXIN, FERROUS IRON-BINDING REGION'
2 non-polymer 'FE (III) ION'
3 water water
#
_entity_poly.entity_id   1
_entity_poly.type   'polypeptide(L)'
_entity_poly.pdbx_seq_one_letter_code
;MKSFGELIYTPDRAEGEAISKAATHTPKIEAPEKVKADQPFQVRVSVGPHPNEAAHSIRWIELYFYEEGRPFNPVMLGRV
AFEPGYAEPDVTFTLKLKKSGVLYAISYCNLHGLWEARKEIKVE
;
_entity_poly.pdbx_strand_id   A,B,C,D
#
loop_
_chem_comp.id
_chem_comp.type
_chem_comp.name
_chem_comp.formula
FE non-polymer 'FE (III) ION' 'Fe 3'
#
# COMPACT_ATOMS: atom_id res chain seq x y z
N MET A 1 16.72 -13.12 20.30
CA MET A 1 15.89 -11.94 20.53
C MET A 1 14.41 -12.29 20.30
N LYS A 2 13.61 -11.27 20.02
CA LYS A 2 12.17 -11.47 19.78
C LYS A 2 11.84 -11.57 18.29
N SER A 3 11.12 -12.63 17.90
CA SER A 3 10.65 -12.76 16.53
C SER A 3 9.49 -11.79 16.30
N PHE A 4 9.31 -11.36 15.05
CA PHE A 4 8.27 -10.40 14.72
C PHE A 4 6.89 -10.86 15.18
N GLY A 5 6.60 -12.16 15.02
CA GLY A 5 5.27 -12.67 15.34
C GLY A 5 4.93 -12.52 16.82
N GLU A 6 5.96 -12.46 17.66
CA GLU A 6 5.77 -12.40 19.09
C GLU A 6 5.38 -10.99 19.54
N LEU A 7 5.55 -10.02 18.65
CA LEU A 7 5.34 -8.62 18.95
C LEU A 7 3.89 -8.21 18.80
N ILE A 8 3.15 -8.96 17.99
CA ILE A 8 1.77 -8.58 17.68
C ILE A 8 0.90 -8.75 18.91
N TYR A 9 0.15 -7.70 19.25
CA TYR A 9 -0.74 -7.74 20.41
C TYR A 9 -2.04 -8.48 20.12
N THR A 10 -2.43 -9.33 21.07
CA THR A 10 -3.73 -9.98 21.06
C THR A 10 -4.28 -9.71 22.45
N PRO A 11 -5.61 -9.69 22.60
CA PRO A 11 -6.20 -9.37 23.92
C PRO A 11 -5.90 -10.41 25.00
N ASP A 12 -5.86 -11.69 24.62
CA ASP A 12 -5.61 -12.76 25.57
C ASP A 12 -4.15 -12.84 26.04
N ARG A 13 -3.26 -12.21 25.27
CA ARG A 13 -1.83 -12.22 25.60
C ARG A 13 -1.32 -10.87 26.08
N ALA A 14 -2.22 -9.92 26.26
CA ALA A 14 -1.85 -8.56 26.67
C ALA A 14 -1.13 -8.51 28.01
N GLU A 15 0.10 -8.00 28.01
CA GLU A 15 0.88 -7.86 29.24
C GLU A 15 0.97 -6.39 29.66
N GLY A 16 0.70 -6.13 30.93
CA GLY A 16 0.89 -4.81 31.51
C GLY A 16 0.10 -3.67 30.89
N GLU A 17 0.82 -2.64 30.48
CA GLU A 17 0.23 -1.40 29.96
C GLU A 17 -0.69 -1.65 28.76
N ALA A 18 -0.41 -2.72 28.00
CA ALA A 18 -1.16 -3.02 26.79
C ALA A 18 -2.57 -3.56 27.06
N ILE A 19 -2.80 -4.08 28.27
CA ILE A 19 -4.13 -4.61 28.63
C ILE A 19 -5.21 -3.52 28.50
N SER A 20 -4.89 -2.32 28.97
CA SER A 20 -5.82 -1.18 28.91
C SER A 20 -6.04 -0.59 27.50
N LYS A 21 -5.16 -0.90 26.55
CA LYS A 21 -5.30 -0.38 25.18
C LYS A 21 -6.09 -1.35 24.27
N ALA A 22 -6.38 -2.54 24.77
CA ALA A 22 -6.84 -3.65 23.92
C ALA A 22 -8.23 -3.44 23.30
N ALA A 23 -9.17 -2.93 24.10
CA ALA A 23 -10.54 -2.75 23.62
C ALA A 23 -10.58 -1.79 22.45
N THR A 24 -9.75 -0.75 22.48
CA THR A 24 -9.82 0.28 21.45
C THR A 24 -8.81 0.10 20.28
N HIS A 25 -8.01 -0.96 20.32
CA HIS A 25 -7.12 -1.23 19.20
C HIS A 25 -7.39 -2.56 18.48
N THR A 26 -7.95 -3.55 19.18
CA THR A 26 -8.27 -4.83 18.58
C THR A 26 -9.39 -4.69 17.56
N PRO A 27 -9.13 -5.09 16.32
CA PRO A 27 -10.13 -5.03 15.25
C PRO A 27 -11.39 -5.83 15.60
N LYS A 28 -12.54 -5.32 15.20
CA LYS A 28 -13.79 -6.05 15.36
C LYS A 28 -14.21 -6.56 13.98
N ILE A 29 -14.40 -7.87 13.87
CA ILE A 29 -14.73 -8.50 12.60
C ILE A 29 -16.18 -8.94 12.60
N GLU A 30 -16.99 -8.34 11.72
CA GLU A 30 -18.38 -8.82 11.56
C GLU A 30 -18.42 -9.59 10.24
N ALA A 31 -18.66 -10.89 10.32
CA ALA A 31 -18.65 -11.75 9.14
C ALA A 31 -19.62 -12.89 9.40
N PRO A 32 -20.17 -13.49 8.31
CA PRO A 32 -21.08 -14.64 8.50
C PRO A 32 -20.31 -15.85 9.03
N GLU A 33 -20.95 -16.74 9.80
CA GLU A 33 -20.32 -17.95 10.30
C GLU A 33 -20.09 -18.94 9.16
N LYS A 34 -20.96 -18.83 8.14
CA LYS A 34 -21.03 -19.85 7.10
C LYS A 34 -21.29 -19.16 5.77
N VAL A 35 -20.48 -19.48 4.76
CA VAL A 35 -20.75 -19.01 3.41
C VAL A 35 -20.68 -20.17 2.40
N LYS A 36 -21.13 -19.93 1.17
CA LYS A 36 -21.00 -20.92 0.09
C LYS A 36 -19.70 -20.64 -0.66
N ALA A 37 -19.05 -21.68 -1.15
CA ALA A 37 -17.83 -21.53 -1.95
C ALA A 37 -18.08 -20.59 -3.12
N ASP A 38 -17.15 -19.68 -3.38
CA ASP A 38 -17.17 -18.87 -4.60
C ASP A 38 -18.30 -17.84 -4.67
N GLN A 39 -19.04 -17.69 -3.58
CA GLN A 39 -20.16 -16.76 -3.54
C GLN A 39 -19.75 -15.54 -2.73
N PRO A 40 -19.91 -14.34 -3.32
CA PRO A 40 -19.43 -13.13 -2.62
C PRO A 40 -20.28 -12.82 -1.38
N PHE A 41 -19.61 -12.30 -0.34
CA PHE A 41 -20.30 -11.93 0.89
C PHE A 41 -19.47 -10.81 1.52
N GLN A 42 -20.08 -10.06 2.43
CA GLN A 42 -19.40 -8.91 3.02
C GLN A 42 -18.82 -9.17 4.40
N VAL A 43 -17.67 -8.56 4.67
CA VAL A 43 -17.03 -8.64 5.96
C VAL A 43 -16.76 -7.19 6.36
N ARG A 44 -17.29 -6.77 7.50
CA ARG A 44 -16.97 -5.44 7.99
C ARG A 44 -15.89 -5.53 9.05
N VAL A 45 -14.89 -4.64 8.97
CA VAL A 45 -13.84 -4.61 9.98
C VAL A 45 -13.77 -3.18 10.54
N SER A 46 -13.88 -3.03 11.86
CA SER A 46 -13.73 -1.69 12.45
C SER A 46 -12.86 -1.71 13.70
N VAL A 47 -12.34 -0.54 14.06
CA VAL A 47 -11.41 -0.44 15.17
C VAL A 47 -11.77 0.82 15.96
N GLY A 48 -11.81 0.72 17.29
CA GLY A 48 -12.00 1.92 18.11
C GLY A 48 -13.10 1.77 19.13
N PRO A 49 -13.63 2.89 19.67
CA PRO A 49 -13.34 4.29 19.29
C PRO A 49 -11.90 4.66 19.59
N HIS A 50 -11.30 5.48 18.72
CA HIS A 50 -9.87 5.78 18.77
C HIS A 50 -9.68 7.17 18.15
N PRO A 51 -8.68 7.93 18.63
CA PRO A 51 -8.42 9.19 17.94
C PRO A 51 -8.02 8.99 16.45
N ASN A 52 -8.16 10.07 15.67
CA ASN A 52 -7.89 10.07 14.24
C ASN A 52 -7.24 11.39 13.87
N GLU A 53 -5.97 11.53 14.24
CA GLU A 53 -5.16 12.75 14.07
C GLU A 53 -3.84 12.37 13.39
N ALA A 54 -3.15 13.33 12.80
CA ALA A 54 -1.85 13.06 12.17
C ALA A 54 -0.88 12.39 13.16
N ALA A 55 -0.92 12.85 14.41
CA ALA A 55 -0.01 12.37 15.44
C ALA A 55 -0.39 10.98 15.97
N HIS A 56 -1.62 10.56 15.72
CA HIS A 56 -2.12 9.35 16.37
C HIS A 56 -3.36 8.83 15.67
N SER A 57 -3.23 7.75 14.92
CA SER A 57 -4.42 7.15 14.31
C SER A 57 -4.20 5.69 13.95
N ILE A 58 -5.29 4.98 13.67
CA ILE A 58 -5.19 3.66 13.06
C ILE A 58 -4.81 3.92 11.59
N ARG A 59 -3.58 3.56 11.21
CA ARG A 59 -3.03 3.89 9.88
C ARG A 59 -3.53 2.94 8.78
N TRP A 60 -3.73 1.68 9.14
CA TRP A 60 -4.11 0.68 8.15
C TRP A 60 -4.62 -0.61 8.76
N ILE A 61 -5.32 -1.39 7.94
CA ILE A 61 -5.77 -2.72 8.34
C ILE A 61 -5.45 -3.69 7.20
N GLU A 62 -4.93 -4.86 7.56
CA GLU A 62 -4.65 -5.93 6.58
C GLU A 62 -5.51 -7.12 6.97
N LEU A 63 -5.99 -7.84 5.96
CA LEU A 63 -6.78 -9.05 6.17
C LEU A 63 -6.05 -10.23 5.56
N TYR A 64 -5.99 -11.34 6.29
CA TYR A 64 -5.35 -12.55 5.80
C TYR A 64 -6.32 -13.70 6.05
N PHE A 65 -6.12 -14.81 5.35
CA PHE A 65 -6.95 -15.99 5.55
C PHE A 65 -6.05 -17.20 5.67
N TYR A 66 -6.18 -17.92 6.77
CA TYR A 66 -5.61 -19.27 6.87
C TYR A 66 -6.56 -20.21 6.16
N GLU A 67 -6.13 -20.77 5.05
CA GLU A 67 -7.03 -21.61 4.25
C GLU A 67 -6.74 -23.09 4.49
N GLU A 68 -7.74 -23.81 5.01
CA GLU A 68 -7.58 -25.24 5.32
C GLU A 68 -6.97 -26.06 4.18
N GLY A 69 -5.95 -26.87 4.51
CA GLY A 69 -5.36 -27.78 3.56
C GLY A 69 -4.38 -27.16 2.57
N ARG A 70 -4.13 -25.86 2.69
CA ARG A 70 -3.18 -25.22 1.77
C ARG A 70 -1.77 -25.58 2.22
N PRO A 71 -0.88 -25.88 1.27
CA PRO A 71 0.47 -26.27 1.67
C PRO A 71 1.19 -25.16 2.43
N PHE A 72 0.88 -23.91 2.14
CA PHE A 72 1.50 -22.80 2.87
C PHE A 72 0.39 -21.83 3.18
N ASN A 73 0.58 -21.01 4.22
CA ASN A 73 -0.46 -20.09 4.68
C ASN A 73 0.25 -18.92 5.33
N PRO A 74 -0.44 -17.78 5.48
CA PRO A 74 -1.82 -17.59 5.03
C PRO A 74 -1.83 -16.91 3.67
N VAL A 75 -3.03 -16.64 3.21
CA VAL A 75 -3.25 -15.91 1.97
C VAL A 75 -3.64 -14.50 2.37
N MET A 76 -2.96 -13.50 1.83
CA MET A 76 -3.42 -12.14 2.06
C MET A 76 -4.68 -11.89 1.23
N LEU A 77 -5.70 -11.29 1.84
CA LEU A 77 -6.93 -10.98 1.13
C LEU A 77 -6.96 -9.55 0.64
N GLY A 78 -6.47 -8.63 1.46
CA GLY A 78 -6.53 -7.22 1.11
C GLY A 78 -5.92 -6.33 2.15
N ARG A 79 -5.79 -5.05 1.82
CA ARG A 79 -5.16 -4.10 2.72
C ARG A 79 -5.80 -2.75 2.46
N VAL A 80 -6.07 -2.01 3.53
CA VAL A 80 -6.69 -0.69 3.38
C VAL A 80 -5.91 0.28 4.24
N ALA A 81 -5.53 1.41 3.66
CA ALA A 81 -4.81 2.45 4.38
C ALA A 81 -5.72 3.65 4.55
N PHE A 82 -5.66 4.32 5.71
CA PHE A 82 -6.54 5.46 5.98
C PHE A 82 -5.73 6.74 6.14
N GLU A 83 -6.16 7.81 5.48
CA GLU A 83 -5.50 9.08 5.70
C GLU A 83 -6.01 9.64 7.02
N PRO A 84 -5.06 10.01 7.91
CA PRO A 84 -5.46 10.55 9.22
C PRO A 84 -6.30 11.82 9.14
N GLY A 85 -7.40 11.84 9.90
CA GLY A 85 -8.27 13.01 9.96
C GLY A 85 -9.43 12.94 8.97
N TYR A 86 -9.32 12.06 7.98
CA TYR A 86 -10.32 12.00 6.92
C TYR A 86 -11.06 10.66 6.84
N ALA A 87 -10.35 9.56 7.00
CA ALA A 87 -11.00 8.26 6.91
C ALA A 87 -10.99 7.57 8.26
N GLU A 88 -12.16 7.16 8.73
CA GLU A 88 -12.26 6.41 9.98
C GLU A 88 -11.92 4.94 9.74
N PRO A 89 -11.42 4.23 10.77
CA PRO A 89 -11.00 2.84 10.57
C PRO A 89 -12.19 1.87 10.66
N ASP A 90 -13.07 1.98 9.67
CA ASP A 90 -14.27 1.17 9.65
C ASP A 90 -14.53 0.92 8.17
N VAL A 91 -14.35 -0.34 7.75
CA VAL A 91 -14.36 -0.65 6.33
C VAL A 91 -15.12 -1.97 6.06
N THR A 92 -15.83 -2.01 4.93
CA THR A 92 -16.49 -3.24 4.50
C THR A 92 -15.86 -3.76 3.21
N PHE A 93 -15.35 -5.00 3.26
CA PHE A 93 -14.83 -5.69 2.06
C PHE A 93 -15.86 -6.65 1.54
N THR A 94 -15.70 -7.05 0.28
CA THR A 94 -16.47 -8.15 -0.33
C THR A 94 -15.46 -9.25 -0.68
N LEU A 95 -15.74 -10.49 -0.28
CA LEU A 95 -14.77 -11.58 -0.44
C LEU A 95 -15.45 -12.79 -1.08
N LYS A 96 -14.66 -13.65 -1.71
CA LYS A 96 -15.11 -14.96 -2.16
C LYS A 96 -14.15 -15.97 -1.57
N LEU A 97 -14.66 -16.91 -0.78
CA LEU A 97 -13.80 -17.94 -0.22
C LEU A 97 -14.02 -19.26 -0.95
N LYS A 98 -13.05 -20.17 -0.89
CA LYS A 98 -13.16 -21.41 -1.64
C LYS A 98 -13.19 -22.63 -0.72
N LYS A 99 -12.71 -22.42 0.51
CA LYS A 99 -12.52 -23.52 1.46
C LYS A 99 -12.51 -22.94 2.86
N SER A 100 -12.90 -23.73 3.87
CA SER A 100 -13.04 -23.19 5.23
C SER A 100 -11.68 -22.74 5.76
N GLY A 101 -11.69 -21.85 6.76
CA GLY A 101 -10.44 -21.44 7.35
C GLY A 101 -10.62 -20.37 8.42
N VAL A 102 -9.55 -19.62 8.66
CA VAL A 102 -9.59 -18.59 9.70
C VAL A 102 -9.25 -17.24 9.11
N LEU A 103 -10.13 -16.27 9.34
CA LEU A 103 -9.92 -14.92 8.85
C LEU A 103 -9.16 -14.11 9.92
N TYR A 104 -8.11 -13.38 9.51
CA TYR A 104 -7.34 -12.56 10.44
C TYR A 104 -7.37 -11.10 10.03
N ALA A 105 -7.58 -10.20 11.00
CA ALA A 105 -7.46 -8.75 10.75
C ALA A 105 -6.36 -8.20 11.67
N ILE A 106 -5.47 -7.40 11.10
CA ILE A 106 -4.35 -6.81 11.82
C ILE A 106 -4.46 -5.33 11.58
N SER A 107 -4.55 -4.54 12.65
CA SER A 107 -4.62 -3.10 12.47
C SER A 107 -3.34 -2.53 13.05
N TYR A 108 -2.95 -1.34 12.58
CA TYR A 108 -1.73 -0.70 13.08
C TYR A 108 -2.03 0.70 13.56
N CYS A 109 -1.65 0.98 14.81
CA CYS A 109 -1.69 2.32 15.36
C CYS A 109 -0.24 2.83 15.42
N ASN A 110 0.02 4.04 14.92
CA ASN A 110 1.42 4.53 14.89
C ASN A 110 2.08 4.59 16.27
N LEU A 111 1.29 4.73 17.32
CA LEU A 111 1.83 4.79 18.69
C LEU A 111 1.79 3.44 19.40
N HIS A 112 0.79 2.63 19.08
CA HIS A 112 0.44 1.51 19.95
C HIS A 112 0.54 0.15 19.29
N GLY A 113 1.15 0.10 18.11
CA GLY A 113 1.61 -1.16 17.54
C GLY A 113 0.57 -1.92 16.74
N LEU A 114 0.78 -3.23 16.62
CA LEU A 114 -0.01 -4.10 15.76
C LEU A 114 -0.95 -4.93 16.60
N TRP A 115 -2.23 -4.98 16.22
CA TRP A 115 -3.22 -5.74 16.97
C TRP A 115 -3.95 -6.73 16.09
N GLU A 116 -4.24 -7.90 16.64
CA GLU A 116 -4.81 -8.99 15.87
C GLU A 116 -6.20 -9.43 16.34
N ALA A 117 -7.11 -9.67 15.40
CA ALA A 117 -8.35 -10.36 15.73
C ALA A 117 -8.52 -11.50 14.73
N ARG A 118 -9.27 -12.51 15.12
CA ARG A 118 -9.42 -13.63 14.20
C ARG A 118 -10.84 -14.16 14.26
N LYS A 119 -11.33 -14.72 13.15
CA LYS A 119 -12.65 -15.31 13.14
C LYS A 119 -12.72 -16.51 12.20
N GLU A 120 -13.28 -17.60 12.68
CA GLU A 120 -13.40 -18.81 11.90
C GLU A 120 -14.56 -18.66 10.93
N ILE A 121 -14.38 -19.09 9.68
CA ILE A 121 -15.48 -19.09 8.71
C ILE A 121 -15.60 -20.45 8.02
N LYS A 122 -16.81 -21.00 8.02
CA LYS A 122 -17.04 -22.27 7.34
C LYS A 122 -17.46 -22.02 5.90
N VAL A 123 -16.85 -22.76 4.97
CA VAL A 123 -17.24 -22.66 3.58
C VAL A 123 -17.85 -23.99 3.14
N GLU A 124 -19.09 -23.95 2.67
CA GLU A 124 -19.72 -25.19 2.20
C GLU A 124 -19.99 -25.22 0.69
N MET B 1 -6.98 -22.09 18.24
CA MET B 1 -6.38 -22.09 16.91
C MET B 1 -5.09 -21.30 16.95
N LYS B 2 -4.44 -21.20 15.79
CA LYS B 2 -3.17 -20.48 15.69
C LYS B 2 -3.37 -18.97 15.58
N SER B 3 -2.55 -18.22 16.31
CA SER B 3 -2.51 -16.77 16.17
C SER B 3 -1.75 -16.44 14.90
N PHE B 4 -1.98 -15.23 14.38
CA PHE B 4 -1.33 -14.79 13.15
C PHE B 4 0.20 -14.89 13.24
N GLY B 5 0.76 -14.49 14.39
CA GLY B 5 2.22 -14.46 14.54
C GLY B 5 2.88 -15.84 14.44
N GLU B 6 2.14 -16.89 14.78
CA GLU B 6 2.68 -18.24 14.67
C GLU B 6 2.79 -18.69 13.21
N LEU B 7 2.17 -17.95 12.29
CA LEU B 7 2.07 -18.39 10.90
C LEU B 7 3.28 -17.93 10.07
N ILE B 8 3.96 -16.91 10.55
CA ILE B 8 5.06 -16.33 9.81
C ILE B 8 6.24 -17.29 9.83
N TYR B 9 6.80 -17.56 8.65
CA TYR B 9 7.91 -18.48 8.54
C TYR B 9 9.23 -17.80 8.88
N THR B 10 10.07 -18.51 9.62
CA THR B 10 11.44 -18.09 9.88
C THR B 10 12.30 -19.29 9.51
N PRO B 11 13.57 -19.07 9.14
CA PRO B 11 14.37 -20.21 8.70
C PRO B 11 14.62 -21.21 9.82
N ASP B 12 14.76 -20.70 11.05
CA ASP B 12 15.11 -21.55 12.20
C ASP B 12 13.90 -22.25 12.82
N ARG B 13 12.72 -21.95 12.31
CA ARG B 13 11.51 -22.66 12.71
C ARG B 13 10.85 -23.32 11.50
N ALA B 14 11.55 -23.35 10.38
CA ALA B 14 11.06 -24.00 9.16
C ALA B 14 10.77 -25.49 9.40
N GLU B 15 9.62 -25.94 8.91
CA GLU B 15 9.16 -27.31 9.16
C GLU B 15 8.51 -27.88 7.92
N GLY B 16 8.90 -29.11 7.57
CA GLY B 16 8.34 -29.79 6.41
C GLY B 16 8.73 -29.17 5.09
N GLU B 17 7.72 -28.89 4.26
CA GLU B 17 7.95 -28.28 2.95
C GLU B 17 8.70 -26.96 3.08
N ALA B 18 8.37 -26.20 4.12
CA ALA B 18 8.93 -24.87 4.36
C ALA B 18 10.45 -24.82 4.39
N ILE B 19 11.07 -25.84 4.98
CA ILE B 19 12.52 -25.97 5.03
C ILE B 19 13.18 -25.75 3.65
N SER B 20 12.71 -26.49 2.65
CA SER B 20 13.27 -26.40 1.30
C SER B 20 13.06 -25.04 0.64
N LYS B 21 12.14 -24.23 1.17
CA LYS B 21 11.83 -22.93 0.56
C LYS B 21 12.46 -21.73 1.28
N ALA B 22 13.14 -21.99 2.40
CA ALA B 22 13.65 -20.91 3.25
C ALA B 22 14.68 -19.98 2.60
N ALA B 23 15.63 -20.55 1.84
CA ALA B 23 16.72 -19.76 1.31
C ALA B 23 16.23 -18.75 0.27
N THR B 24 15.22 -19.15 -0.50
CA THR B 24 14.75 -18.29 -1.58
C THR B 24 13.55 -17.38 -1.22
N HIS B 25 13.06 -17.47 0.02
CA HIS B 25 11.98 -16.57 0.43
C HIS B 25 12.35 -15.66 1.61
N THR B 26 13.37 -16.03 2.37
CA THR B 26 13.77 -15.23 3.54
C THR B 26 14.49 -13.99 3.05
N PRO B 27 14.03 -12.82 3.45
CA PRO B 27 14.65 -11.55 3.07
C PRO B 27 16.12 -11.54 3.53
N LYS B 28 16.97 -10.91 2.72
N LYS B 28 16.99 -10.94 2.71
CA LYS B 28 18.36 -10.69 3.10
CA LYS B 28 18.37 -10.71 3.12
C LYS B 28 18.49 -9.19 3.40
C LYS B 28 18.52 -9.21 3.40
N ILE B 29 18.99 -8.88 4.60
CA ILE B 29 19.09 -7.49 5.02
C ILE B 29 20.55 -7.07 5.04
N GLU B 30 20.90 -6.07 4.23
CA GLU B 30 22.25 -5.51 4.30
C GLU B 30 22.14 -4.15 4.96
N ALA B 31 22.67 -4.03 6.16
CA ALA B 31 22.59 -2.77 6.91
C ALA B 31 23.86 -2.63 7.75
N PRO B 32 24.26 -1.39 8.08
CA PRO B 32 25.44 -1.25 8.97
C PRO B 32 25.14 -1.79 10.38
N GLU B 33 26.17 -2.22 11.10
CA GLU B 33 26.02 -2.71 12.47
C GLU B 33 25.73 -1.55 13.41
N LYS B 34 26.25 -0.37 13.04
CA LYS B 34 26.25 0.80 13.92
C LYS B 34 25.97 2.04 13.08
N VAL B 35 25.10 2.90 13.58
CA VAL B 35 24.82 4.17 12.94
C VAL B 35 24.77 5.26 14.00
N LYS B 36 24.75 6.52 13.57
CA LYS B 36 24.63 7.67 14.46
C LYS B 36 23.16 8.06 14.52
N ALA B 37 22.68 8.51 15.68
CA ALA B 37 21.30 8.93 15.80
C ALA B 37 20.98 10.03 14.79
N ASP B 38 19.81 9.94 14.17
CA ASP B 38 19.30 11.05 13.34
C ASP B 38 20.07 11.26 12.03
N GLN B 39 20.96 10.33 11.71
CA GLN B 39 21.75 10.44 10.49
C GLN B 39 21.31 9.37 9.50
N PRO B 40 21.02 9.79 8.26
CA PRO B 40 20.47 8.86 7.27
C PRO B 40 21.51 7.84 6.80
N PHE B 41 21.05 6.61 6.59
CA PHE B 41 21.95 5.55 6.13
C PHE B 41 21.08 4.59 5.32
N GLN B 42 21.72 3.80 4.46
CA GLN B 42 20.96 2.92 3.59
C GLN B 42 20.86 1.49 4.10
N VAL B 43 19.72 0.87 3.81
CA VAL B 43 19.45 -0.52 4.13
C VAL B 43 18.98 -1.17 2.85
N ARG B 44 19.66 -2.22 2.41
CA ARG B 44 19.17 -2.95 1.24
C ARG B 44 18.51 -4.23 1.68
N VAL B 45 17.35 -4.53 1.09
CA VAL B 45 16.63 -5.76 1.36
C VAL B 45 16.35 -6.45 0.03
N SER B 46 16.77 -7.70 -0.11
CA SER B 46 16.47 -8.45 -1.32
C SER B 46 15.97 -9.86 -1.01
N VAL B 47 15.22 -10.43 -1.94
CA VAL B 47 14.69 -11.76 -1.74
C VAL B 47 14.95 -12.59 -2.98
N GLY B 48 15.41 -13.82 -2.82
CA GLY B 48 15.50 -14.72 -3.95
C GLY B 48 16.82 -15.49 -4.02
N PRO B 49 17.17 -16.02 -5.20
CA PRO B 49 16.49 -15.96 -6.50
C PRO B 49 15.12 -16.58 -6.42
N HIS B 50 14.15 -16.02 -7.14
CA HIS B 50 12.76 -16.43 -7.01
C HIS B 50 12.07 -16.05 -8.32
N PRO B 51 11.10 -16.86 -8.75
CA PRO B 51 10.36 -16.46 -9.95
C PRO B 51 9.65 -15.11 -9.75
N ASN B 52 9.34 -14.45 -10.86
CA ASN B 52 8.67 -13.15 -10.85
C ASN B 52 7.64 -13.11 -11.97
N GLU B 53 6.46 -13.71 -11.73
CA GLU B 53 5.40 -13.84 -12.75
C GLU B 53 4.07 -13.55 -12.09
N ALA B 54 3.04 -13.30 -12.89
CA ALA B 54 1.73 -12.95 -12.35
C ALA B 54 1.30 -14.02 -11.35
N ALA B 55 1.52 -15.27 -11.75
CA ALA B 55 1.08 -16.44 -10.98
C ALA B 55 1.92 -16.67 -9.73
N HIS B 56 3.10 -16.08 -9.67
CA HIS B 56 4.03 -16.41 -8.60
C HIS B 56 5.15 -15.38 -8.47
N SER B 57 5.09 -14.54 -7.45
CA SER B 57 6.16 -13.57 -7.24
C SER B 57 6.19 -13.08 -5.79
N ILE B 58 7.32 -12.51 -5.38
CA ILE B 58 7.36 -11.80 -4.10
C ILE B 58 6.53 -10.52 -4.32
N ARG B 59 5.37 -10.41 -3.67
CA ARG B 59 4.44 -9.30 -3.93
C ARG B 59 4.88 -8.00 -3.25
N TRP B 60 5.40 -8.13 -2.04
CA TRP B 60 5.77 -6.95 -1.26
C TRP B 60 6.73 -7.26 -0.12
N ILE B 61 7.33 -6.19 0.40
CA ILE B 61 8.18 -6.27 1.60
C ILE B 61 7.81 -5.13 2.53
N GLU B 62 7.70 -5.45 3.82
CA GLU B 62 7.43 -4.46 4.88
C GLU B 62 8.63 -4.45 5.82
N LEU B 63 9.00 -3.26 6.30
CA LEU B 63 10.11 -3.14 7.24
C LEU B 63 9.54 -2.62 8.55
N TYR B 64 9.90 -3.26 9.67
CA TYR B 64 9.50 -2.76 10.98
C TYR B 64 10.76 -2.62 11.83
N PHE B 65 10.66 -1.85 12.90
CA PHE B 65 11.77 -1.68 13.83
C PHE B 65 11.26 -1.84 15.26
N TYR B 66 11.86 -2.75 16.01
CA TYR B 66 11.62 -2.79 17.46
C TYR B 66 12.57 -1.77 18.08
N GLU B 67 12.01 -0.73 18.68
CA GLU B 67 12.85 0.34 19.21
C GLU B 67 12.99 0.21 20.71
N GLU B 68 14.22 0.13 21.19
CA GLU B 68 14.46 -0.12 22.60
C GLU B 68 13.85 0.96 23.49
N GLY B 69 13.23 0.52 24.58
CA GLY B 69 12.61 1.45 25.51
C GLY B 69 11.24 1.99 25.12
N ARG B 70 10.74 1.68 23.93
CA ARG B 70 9.43 2.21 23.53
C ARG B 70 8.31 1.51 24.30
N PRO B 71 7.30 2.26 24.78
CA PRO B 71 6.24 1.61 25.55
C PRO B 71 5.54 0.55 24.73
N PHE B 72 5.42 0.76 23.42
CA PHE B 72 4.81 -0.24 22.53
C PHE B 72 5.70 -0.40 21.31
N ASN B 73 5.56 -1.53 20.62
CA ASN B 73 6.43 -1.86 19.50
C ASN B 73 5.66 -2.84 18.63
N PRO B 74 6.07 -2.97 17.36
CA PRO B 74 7.17 -2.21 16.74
C PRO B 74 6.65 -0.98 16.02
N VAL B 75 7.60 -0.25 15.45
CA VAL B 75 7.32 0.90 14.60
C VAL B 75 7.45 0.43 13.16
N MET B 76 6.43 0.67 12.35
CA MET B 76 6.60 0.36 10.93
C MET B 76 7.53 1.39 10.31
N LEU B 77 8.43 0.96 9.44
CA LEU B 77 9.31 1.93 8.79
C LEU B 77 8.91 2.23 7.35
N GLY B 78 8.43 1.21 6.64
CA GLY B 78 8.19 1.36 5.22
C GLY B 78 7.56 0.10 4.63
N ARG B 79 7.03 0.24 3.42
CA ARG B 79 6.43 -0.87 2.75
C ARG B 79 6.66 -0.65 1.26
N VAL B 80 7.06 -1.69 0.55
CA VAL B 80 7.23 -1.56 -0.89
C VAL B 80 6.51 -2.72 -1.56
N ALA B 81 5.78 -2.40 -2.62
CA ALA B 81 5.02 -3.40 -3.37
C ALA B 81 5.54 -3.43 -4.81
N PHE B 82 5.65 -4.63 -5.38
CA PHE B 82 6.28 -4.83 -6.67
C PHE B 82 5.29 -5.39 -7.66
N GLU B 83 5.16 -4.78 -8.84
CA GLU B 83 4.31 -5.38 -9.85
C GLU B 83 5.00 -6.60 -10.45
N PRO B 84 4.29 -7.74 -10.52
CA PRO B 84 4.77 -9.00 -11.11
C PRO B 84 5.32 -8.80 -12.52
N GLY B 85 6.53 -9.28 -12.78
CA GLY B 85 7.12 -9.25 -14.12
C GLY B 85 7.97 -8.02 -14.41
N TYR B 86 7.78 -6.95 -13.65
CA TYR B 86 8.45 -5.68 -13.93
C TYR B 86 9.45 -5.26 -12.85
N ALA B 87 9.09 -5.46 -11.59
CA ALA B 87 9.98 -5.05 -10.50
C ALA B 87 10.49 -6.29 -9.77
N GLU B 88 11.79 -6.34 -9.56
CA GLU B 88 12.41 -7.43 -8.81
C GLU B 88 12.40 -7.09 -7.33
N PRO B 89 12.35 -8.12 -6.46
CA PRO B 89 12.26 -7.85 -5.01
C PRO B 89 13.63 -7.55 -4.42
N ASP B 90 14.18 -6.40 -4.78
CA ASP B 90 15.50 -5.99 -4.31
C ASP B 90 15.43 -4.47 -4.23
N VAL B 91 15.42 -3.94 -3.01
CA VAL B 91 15.14 -2.52 -2.82
C VAL B 91 16.09 -1.88 -1.79
N THR B 92 16.46 -0.62 -2.03
CA THR B 92 17.25 0.11 -1.04
C THR B 92 16.45 1.25 -0.40
N PHE B 93 16.33 1.19 0.93
CA PHE B 93 15.71 2.27 1.71
C PHE B 93 16.78 3.15 2.33
N THR B 94 16.40 4.40 2.61
CA THR B 94 17.18 5.33 3.44
C THR B 94 16.39 5.55 4.74
N LEU B 95 17.05 5.35 5.88
CA LEU B 95 16.38 5.40 7.17
C LEU B 95 17.08 6.38 8.07
N LYS B 96 16.37 6.89 9.09
CA LYS B 96 17.02 7.60 10.21
C LYS B 96 16.54 6.91 11.46
N LEU B 97 17.47 6.49 12.31
CA LEU B 97 17.08 5.89 13.57
C LEU B 97 17.41 6.84 14.71
N LYS B 98 16.78 6.61 15.86
CA LYS B 98 16.94 7.51 17.01
C LYS B 98 17.53 6.78 18.21
N LYS B 99 17.34 5.46 18.25
CA LYS B 99 17.68 4.63 19.41
C LYS B 99 17.90 3.20 18.93
N SER B 100 18.73 2.43 19.64
CA SER B 100 19.09 1.09 19.16
C SER B 100 17.85 0.20 19.12
N GLY B 101 17.91 -0.87 18.35
CA GLY B 101 16.79 -1.79 18.29
C GLY B 101 17.01 -2.88 17.28
N VAL B 102 15.90 -3.41 16.79
CA VAL B 102 15.95 -4.56 15.89
C VAL B 102 15.13 -4.25 14.65
N LEU B 103 15.79 -4.41 13.50
CA LEU B 103 15.16 -4.22 12.20
C LEU B 103 14.51 -5.54 11.75
N TYR B 104 13.23 -5.50 11.35
CA TYR B 104 12.57 -6.70 10.80
C TYR B 104 12.15 -6.44 9.36
N ALA B 105 12.41 -7.41 8.47
CA ALA B 105 11.90 -7.36 7.11
C ALA B 105 10.96 -8.56 6.94
N ILE B 106 9.78 -8.31 6.37
CA ILE B 106 8.80 -9.35 6.12
C ILE B 106 8.46 -9.33 4.64
N SER B 107 8.62 -10.46 3.94
CA SER B 107 8.27 -10.48 2.53
C SER B 107 7.10 -11.44 2.35
N TYR B 108 6.29 -11.20 1.33
CA TYR B 108 5.14 -12.07 1.05
C TYR B 108 5.24 -12.65 -0.36
N CYS B 109 5.13 -13.97 -0.44
CA CYS B 109 5.01 -14.65 -1.72
C CYS B 109 3.59 -15.19 -1.85
N ASN B 110 2.92 -14.91 -2.97
CA ASN B 110 1.49 -15.26 -3.03
C ASN B 110 1.24 -16.76 -2.88
N LEU B 111 2.23 -17.58 -3.19
CA LEU B 111 2.08 -19.04 -3.04
C LEU B 111 2.62 -19.53 -1.70
N HIS B 112 3.69 -18.90 -1.23
CA HIS B 112 4.48 -19.51 -0.16
C HIS B 112 4.53 -18.72 1.15
N GLY B 113 3.63 -17.75 1.31
CA GLY B 113 3.41 -17.14 2.61
C GLY B 113 4.36 -16.02 3.01
N LEU B 114 4.47 -15.82 4.33
CA LEU B 114 5.14 -14.67 4.92
C LEU B 114 6.42 -15.13 5.55
N TRP B 115 7.51 -14.44 5.25
CA TRP B 115 8.85 -14.84 5.72
C TRP B 115 9.56 -13.68 6.42
N GLU B 116 10.24 -13.97 7.52
CA GLU B 116 10.81 -12.91 8.35
C GLU B 116 12.33 -12.99 8.46
N ALA B 117 13.00 -11.84 8.38
CA ALA B 117 14.40 -11.78 8.73
C ALA B 117 14.53 -10.62 9.70
N ARG B 118 15.59 -10.63 10.51
CA ARG B 118 15.76 -9.56 11.46
C ARG B 118 17.24 -9.24 11.61
N LYS B 119 17.56 -8.01 11.96
CA LYS B 119 18.95 -7.64 12.18
C LYS B 119 19.07 -6.56 13.25
N GLU B 120 19.99 -6.77 14.19
CA GLU B 120 20.17 -5.79 15.25
C GLU B 120 20.93 -4.60 14.73
N ILE B 121 20.50 -3.38 15.08
CA ILE B 121 21.26 -2.18 14.73
C ILE B 121 21.50 -1.32 15.96
N LYS B 122 22.76 -0.97 16.17
CA LYS B 122 23.12 -0.14 17.32
C LYS B 122 23.09 1.32 16.90
N VAL B 123 22.51 2.17 17.74
CA VAL B 123 22.48 3.59 17.44
C VAL B 123 23.24 4.34 18.53
N GLU B 124 24.26 5.10 18.15
CA GLU B 124 25.05 5.81 19.16
C GLU B 124 24.91 7.33 19.10
N MET C 1 -14.76 22.17 -12.04
CA MET C 1 -14.68 20.71 -11.92
C MET C 1 -13.56 20.15 -12.79
N LYS C 2 -12.40 19.94 -12.18
CA LYS C 2 -11.26 19.42 -12.92
C LYS C 2 -11.25 17.90 -12.92
N SER C 3 -10.66 17.32 -13.96
CA SER C 3 -10.36 15.90 -13.94
C SER C 3 -9.20 15.68 -12.98
N PHE C 4 -9.07 14.45 -12.48
CA PHE C 4 -7.98 14.10 -11.57
C PHE C 4 -6.62 14.39 -12.20
N GLY C 5 -6.49 14.11 -13.49
CA GLY C 5 -5.23 14.30 -14.19
C GLY C 5 -4.74 15.73 -14.22
N GLU C 6 -5.69 16.67 -14.19
CA GLU C 6 -5.38 18.10 -14.22
C GLU C 6 -4.84 18.60 -12.88
N LEU C 7 -5.09 17.83 -11.82
CA LEU C 7 -4.67 18.21 -10.47
C LEU C 7 -3.18 17.99 -10.25
N ILE C 8 -2.59 17.08 -11.01
CA ILE C 8 -1.20 16.70 -10.79
C ILE C 8 -0.23 17.81 -11.16
N TYR C 9 0.65 18.15 -10.20
CA TYR C 9 1.64 19.19 -10.41
C TYR C 9 2.83 18.71 -11.23
N THR C 10 3.10 19.42 -12.31
CA THR C 10 4.31 19.24 -13.08
C THR C 10 5.11 20.52 -12.87
N PRO C 11 6.42 20.41 -12.63
CA PRO C 11 7.21 21.63 -12.48
C PRO C 11 7.18 22.45 -13.76
N ASP C 12 6.93 21.78 -14.88
CA ASP C 12 6.77 22.45 -16.16
C ASP C 12 5.33 22.94 -16.37
N ARG C 13 4.59 23.07 -15.28
CA ARG C 13 3.21 23.53 -15.32
C ARG C 13 2.90 24.41 -14.10
N ALA C 14 3.92 24.65 -13.28
CA ALA C 14 3.75 25.35 -11.99
C ALA C 14 3.29 26.81 -12.11
N GLU C 15 2.03 27.04 -11.74
CA GLU C 15 1.48 28.39 -11.61
C GLU C 15 1.16 28.65 -10.14
N GLY C 16 1.17 29.92 -9.74
CA GLY C 16 0.78 30.31 -8.38
C GLY C 16 1.81 29.95 -7.32
N GLU C 17 1.34 29.43 -6.20
CA GLU C 17 2.22 29.02 -5.11
C GLU C 17 2.95 27.72 -5.44
N ALA C 18 2.42 26.98 -6.42
CA ALA C 18 3.04 25.74 -6.87
C ALA C 18 4.50 25.93 -7.31
N ILE C 19 4.81 27.10 -7.85
CA ILE C 19 6.17 27.47 -8.29
C ILE C 19 7.24 27.20 -7.21
N SER C 20 7.02 27.74 -6.02
CA SER C 20 7.98 27.68 -4.93
C SER C 20 8.21 26.27 -4.39
N LYS C 21 7.16 25.45 -4.38
CA LYS C 21 7.22 24.10 -3.83
C LYS C 21 7.89 23.10 -4.76
N ALA C 22 7.97 23.46 -6.05
CA ALA C 22 8.36 22.51 -7.10
C ALA C 22 9.72 21.82 -6.90
N ALA C 23 10.69 22.55 -6.39
CA ALA C 23 12.05 22.03 -6.20
C ALA C 23 12.12 20.95 -5.12
N THR C 24 11.33 21.13 -4.07
CA THR C 24 11.37 20.24 -2.91
C THR C 24 10.33 19.11 -2.96
N HIS C 25 9.49 19.11 -3.99
CA HIS C 25 8.44 18.08 -4.12
C HIS C 25 8.58 17.23 -5.39
N THR C 26 9.22 17.79 -6.42
CA THR C 26 9.37 17.07 -7.68
C THR C 26 10.42 15.96 -7.56
N PRO C 27 10.00 14.72 -7.88
CA PRO C 27 10.90 13.56 -7.78
C PRO C 27 12.08 13.69 -8.73
N LYS C 28 13.27 13.27 -8.29
CA LYS C 28 14.42 13.18 -9.19
C LYS C 28 14.62 11.72 -9.54
N ILE C 29 14.62 11.42 -10.82
CA ILE C 29 14.80 10.04 -11.27
C ILE C 29 16.21 9.87 -11.81
N GLU C 30 16.92 8.89 -11.26
CA GLU C 30 18.23 8.52 -11.78
C GLU C 30 18.11 7.14 -12.39
N ALA C 31 18.30 7.06 -13.69
CA ALA C 31 18.12 5.82 -14.43
C ALA C 31 18.98 5.93 -15.66
N PRO C 32 19.41 4.77 -16.19
CA PRO C 32 20.18 4.78 -17.44
C PRO C 32 19.31 5.21 -18.62
N GLU C 33 19.96 5.72 -19.67
CA GLU C 33 19.27 6.09 -20.90
C GLU C 33 18.84 4.86 -21.67
N LYS C 34 19.71 3.85 -21.71
CA LYS C 34 19.47 2.64 -22.49
C LYS C 34 19.74 1.40 -21.66
N VAL C 35 18.85 0.42 -21.77
CA VAL C 35 19.00 -0.85 -21.07
C VAL C 35 18.73 -1.98 -22.03
N LYS C 36 19.09 -3.20 -21.64
CA LYS C 36 18.83 -4.36 -22.47
C LYS C 36 17.54 -5.03 -22.00
N ALA C 37 16.72 -5.48 -22.94
CA ALA C 37 15.45 -6.14 -22.61
C ALA C 37 15.63 -7.23 -21.56
N ASP C 38 14.72 -7.26 -20.59
CA ASP C 38 14.69 -8.30 -19.56
C ASP C 38 15.92 -8.34 -18.66
N GLN C 39 16.78 -7.33 -18.77
CA GLN C 39 17.96 -7.24 -17.91
C GLN C 39 17.69 -6.27 -16.78
N PRO C 40 17.86 -6.72 -15.53
CA PRO C 40 17.60 -5.92 -14.34
C PRO C 40 18.55 -4.73 -14.28
N PHE C 41 18.00 -3.56 -13.97
CA PHE C 41 18.79 -2.35 -13.78
C PHE C 41 18.17 -1.62 -12.62
N GLN C 42 18.88 -0.63 -12.08
CA GLN C 42 18.39 0.08 -10.91
C GLN C 42 17.90 1.48 -11.25
N VAL C 43 16.84 1.88 -10.56
CA VAL C 43 16.34 3.25 -10.67
C VAL C 43 16.27 3.88 -9.29
N ARG C 44 16.95 5.01 -9.12
CA ARG C 44 16.86 5.72 -7.85
C ARG C 44 15.89 6.89 -7.98
N VAL C 45 14.97 6.99 -7.03
CA VAL C 45 14.02 8.09 -6.99
C VAL C 45 14.14 8.81 -5.65
N SER C 46 14.34 10.12 -5.69
CA SER C 46 14.45 10.90 -4.45
C SER C 46 13.68 12.21 -4.53
N VAL C 47 13.16 12.64 -3.38
CA VAL C 47 12.49 13.92 -3.25
C VAL C 47 13.17 14.67 -2.10
N GLY C 48 13.26 15.99 -2.22
CA GLY C 48 13.81 16.77 -1.14
C GLY C 48 14.64 17.94 -1.62
N PRO C 49 15.21 18.71 -0.69
CA PRO C 49 15.07 18.49 0.76
C PRO C 49 13.66 18.83 1.26
N HIS C 50 13.10 17.96 2.09
CA HIS C 50 11.73 18.11 2.53
C HIS C 50 11.53 17.72 4.00
N PRO C 51 10.63 18.41 4.70
CA PRO C 51 10.27 18.03 6.08
C PRO C 51 9.85 16.55 6.17
N ASN C 52 10.16 15.91 7.29
CA ASN C 52 9.78 14.53 7.52
C ASN C 52 9.21 14.35 8.93
N GLU C 53 7.98 14.79 9.13
CA GLU C 53 7.29 14.66 10.41
C GLU C 53 5.86 14.17 10.20
N ALA C 54 5.17 13.85 11.30
CA ALA C 54 3.84 13.25 11.22
C ALA C 54 2.86 14.22 10.57
N ALA C 55 3.06 15.51 10.84
CA ALA C 55 2.20 16.55 10.32
C ALA C 55 2.52 16.91 8.87
N HIS C 56 3.73 16.56 8.41
CA HIS C 56 4.20 16.97 7.08
C HIS C 56 5.34 16.10 6.57
N SER C 57 5.08 15.31 5.52
CA SER C 57 6.13 14.49 4.93
C SER C 57 5.69 13.98 3.56
N ILE C 58 6.67 13.46 2.80
CA ILE C 58 6.39 12.71 1.60
C ILE C 58 5.90 11.35 2.06
N ARG C 59 4.62 11.06 1.85
CA ARG C 59 4.00 9.84 2.35
C ARG C 59 4.36 8.65 1.51
N TRP C 60 4.45 8.87 0.20
CA TRP C 60 4.72 7.79 -0.73
C TRP C 60 5.19 8.24 -2.12
N ILE C 61 5.73 7.27 -2.85
CA ILE C 61 6.12 7.46 -4.24
C ILE C 61 5.58 6.27 -5.03
N GLU C 62 4.99 6.54 -6.19
CA GLU C 62 4.53 5.50 -7.10
C GLU C 62 5.31 5.59 -8.41
N LEU C 63 5.67 4.43 -8.96
CA LEU C 63 6.37 4.35 -10.25
C LEU C 63 5.45 3.75 -11.31
N TYR C 64 5.28 4.45 -12.43
CA TYR C 64 4.49 3.95 -13.56
C TYR C 64 5.34 3.91 -14.83
N PHE C 65 4.92 3.09 -15.80
CA PHE C 65 5.62 3.03 -17.07
C PHE C 65 4.66 3.06 -18.26
N TYR C 66 4.91 3.97 -19.19
CA TYR C 66 4.18 3.98 -20.44
C TYR C 66 4.95 3.10 -21.40
N GLU C 67 4.41 1.92 -21.69
CA GLU C 67 5.07 0.99 -22.59
C GLU C 67 4.64 1.20 -24.04
N GLU C 68 5.60 1.40 -24.93
CA GLU C 68 5.30 1.63 -26.34
C GLU C 68 4.63 0.42 -26.99
N GLY C 69 3.58 0.68 -27.75
CA GLY C 69 2.85 -0.38 -28.44
C GLY C 69 1.97 -1.22 -27.53
N ARG C 70 1.79 -0.79 -26.28
CA ARG C 70 0.82 -1.44 -25.40
C ARG C 70 -0.55 -0.81 -25.58
N PRO C 71 -1.57 -1.65 -25.88
CA PRO C 71 -2.94 -1.23 -26.18
C PRO C 71 -3.52 -0.34 -25.10
N PHE C 72 -3.16 -0.61 -23.85
CA PHE C 72 -3.56 0.25 -22.74
C PHE C 72 -2.35 0.64 -21.93
N ASN C 73 -2.46 1.77 -21.24
CA ASN C 73 -1.35 2.34 -20.48
C ASN C 73 -1.91 3.19 -19.35
N PRO C 74 -1.11 3.45 -18.30
CA PRO C 74 0.25 2.93 -18.13
C PRO C 74 0.28 1.61 -17.37
N VAL C 75 1.49 1.13 -17.10
CA VAL C 75 1.70 -0.04 -16.27
C VAL C 75 2.29 0.48 -14.97
N MET C 76 1.74 0.05 -13.83
CA MET C 76 2.37 0.37 -12.56
C MET C 76 3.58 -0.53 -12.38
N LEU C 77 4.67 0.02 -11.85
CA LEU C 77 5.88 -0.77 -11.63
C LEU C 77 6.04 -1.13 -10.16
N GLY C 78 5.76 -0.17 -9.29
CA GLY C 78 5.88 -0.40 -7.87
C GLY C 78 5.44 0.82 -7.08
N ARG C 79 5.37 0.65 -5.75
CA ARG C 79 4.92 1.72 -4.86
C ARG C 79 5.64 1.56 -3.52
N VAL C 80 6.10 2.67 -2.95
CA VAL C 80 6.75 2.63 -1.65
CA VAL C 80 6.76 2.65 -1.64
C VAL C 80 6.09 3.66 -0.74
N ALA C 81 5.80 3.25 0.50
CA ALA C 81 5.19 4.17 1.47
C ALA C 81 6.22 4.35 2.56
N PHE C 82 6.36 5.59 3.03
CA PHE C 82 7.35 5.90 4.07
C PHE C 82 6.71 6.26 5.39
N GLU C 83 7.27 5.77 6.49
CA GLU C 83 6.82 6.22 7.80
C GLU C 83 7.42 7.58 8.14
N PRO C 84 6.55 8.55 8.50
CA PRO C 84 7.03 9.89 8.85
C PRO C 84 8.06 9.81 9.97
N GLY C 85 9.15 10.57 9.86
CA GLY C 85 10.16 10.60 10.89
C GLY C 85 11.22 9.52 10.80
N TYR C 86 10.91 8.41 10.14
CA TYR C 86 11.85 7.28 10.08
C TYR C 86 12.45 6.97 8.70
N ALA C 87 11.63 6.99 7.66
CA ALA C 87 12.16 6.70 6.32
C ALA C 87 12.20 7.98 5.51
N GLU C 88 13.32 8.19 4.82
CA GLU C 88 13.49 9.35 3.94
C GLU C 88 12.97 8.99 2.55
N PRO C 89 12.49 9.98 1.80
CA PRO C 89 11.92 9.68 0.48
C PRO C 89 13.02 9.55 -0.58
N ASP C 90 13.78 8.48 -0.48
CA ASP C 90 14.91 8.23 -1.39
C ASP C 90 14.99 6.72 -1.48
N VAL C 91 14.65 6.18 -2.64
CA VAL C 91 14.52 4.73 -2.79
C VAL C 91 15.17 4.29 -4.09
N THR C 92 15.77 3.10 -4.08
CA THR C 92 16.29 2.50 -5.30
C THR C 92 15.50 1.24 -5.61
N PHE C 93 14.90 1.19 -6.81
CA PHE C 93 14.19 0.00 -7.28
C PHE C 93 15.07 -0.75 -8.25
N THR C 94 14.80 -2.03 -8.42
CA THR C 94 15.41 -2.82 -9.49
C THR C 94 14.29 -3.21 -10.47
N LEU C 95 14.42 -2.80 -11.72
CA LEU C 95 13.35 -3.01 -12.69
C LEU C 95 13.79 -3.89 -13.84
N LYS C 96 12.80 -4.33 -14.62
CA LYS C 96 13.03 -5.14 -15.82
C LYS C 96 12.07 -4.62 -16.87
N LEU C 97 12.58 -4.22 -18.03
CA LEU C 97 11.71 -3.73 -19.09
C LEU C 97 11.87 -4.62 -20.32
N LYS C 98 10.87 -4.60 -21.20
CA LYS C 98 10.97 -5.37 -22.45
C LYS C 98 10.78 -4.46 -23.67
N LYS C 99 10.15 -3.31 -23.47
CA LYS C 99 9.96 -2.34 -24.55
C LYS C 99 10.21 -0.91 -24.09
N SER C 100 10.72 -0.09 -25.01
CA SER C 100 11.01 1.31 -24.71
C SER C 100 9.78 2.05 -24.22
N GLY C 101 9.99 3.15 -23.51
CA GLY C 101 8.87 3.95 -23.03
C GLY C 101 9.28 5.06 -22.09
N VAL C 102 8.30 5.54 -21.32
CA VAL C 102 8.51 6.67 -20.42
C VAL C 102 8.24 6.26 -18.98
N LEU C 103 9.20 6.56 -18.12
CA LEU C 103 9.12 6.22 -16.71
C LEU C 103 8.54 7.40 -15.93
N TYR C 104 7.42 7.18 -15.23
CA TYR C 104 6.81 8.25 -14.43
C TYR C 104 6.99 8.02 -12.93
N ALA C 105 7.39 9.06 -12.20
CA ALA C 105 7.40 8.98 -10.73
C ALA C 105 6.41 9.99 -10.16
N ILE C 106 5.57 9.54 -9.24
CA ILE C 106 4.58 10.39 -8.59
C ILE C 106 4.82 10.36 -7.08
N SER C 107 5.10 11.53 -6.50
CA SER C 107 5.27 11.58 -5.05
C SER C 107 4.10 12.32 -4.44
N TYR C 108 3.69 11.89 -3.24
CA TYR C 108 2.61 12.57 -2.54
C TYR C 108 3.06 13.18 -1.21
N CYS C 109 2.83 14.49 -1.07
CA CYS C 109 3.00 15.17 0.21
C CYS C 109 1.61 15.51 0.77
N ASN C 110 1.33 15.09 2.00
CA ASN C 110 0.01 15.29 2.62
C ASN C 110 -0.51 16.72 2.58
N LEU C 111 0.40 17.69 2.51
CA LEU C 111 -0.02 19.09 2.46
C LEU C 111 0.01 19.66 1.05
N HIS C 112 0.92 19.17 0.21
CA HIS C 112 1.26 19.89 -1.00
C HIS C 112 0.93 19.18 -2.32
N GLY C 113 0.33 18.00 -2.23
CA GLY C 113 -0.25 17.36 -3.39
C GLY C 113 0.57 16.33 -4.12
N LEU C 114 0.20 16.09 -5.38
CA LEU C 114 0.85 15.08 -6.20
C LEU C 114 1.83 15.73 -7.16
N TRP C 115 3.06 15.22 -7.22
CA TRP C 115 4.06 15.77 -8.12
C TRP C 115 4.59 14.71 -9.09
N GLU C 116 4.58 15.05 -10.37
CA GLU C 116 5.02 14.14 -11.42
C GLU C 116 6.41 14.50 -11.95
N ALA C 117 7.22 13.48 -12.17
CA ALA C 117 8.45 13.63 -12.94
C ALA C 117 8.49 12.49 -13.93
N ARG C 118 9.19 12.67 -15.04
CA ARG C 118 9.23 11.62 -16.06
C ARG C 118 10.61 11.46 -16.70
N LYS C 119 10.87 10.28 -17.22
CA LYS C 119 12.10 10.02 -17.95
C LYS C 119 11.88 8.97 -19.03
N GLU C 120 12.45 9.20 -20.21
CA GLU C 120 12.36 8.21 -21.26
C GLU C 120 13.45 7.16 -21.08
N ILE C 121 13.10 5.91 -21.38
CA ILE C 121 14.05 4.80 -21.32
C ILE C 121 14.00 4.06 -22.66
N LYS C 122 15.17 3.76 -23.22
CA LYS C 122 15.23 2.98 -24.44
C LYS C 122 15.66 1.54 -24.13
N VAL C 123 14.96 0.58 -24.75
CA VAL C 123 15.24 -0.83 -24.53
C VAL C 123 15.81 -1.44 -25.81
N GLU C 124 17.02 -1.99 -25.72
CA GLU C 124 17.64 -2.66 -26.86
C GLU C 124 17.32 -4.15 -26.83
N MET D 1 5.22 15.56 -25.55
CA MET D 1 5.18 14.23 -24.95
C MET D 1 4.03 14.13 -23.95
N LYS D 2 3.60 12.90 -23.66
CA LYS D 2 2.47 12.67 -22.78
C LYS D 2 2.81 12.82 -21.29
N SER D 3 2.01 13.61 -20.58
CA SER D 3 2.12 13.69 -19.12
C SER D 3 1.22 12.63 -18.48
N PHE D 4 1.52 12.30 -17.24
CA PHE D 4 0.85 11.19 -16.56
C PHE D 4 -0.68 11.36 -16.48
N GLY D 5 -1.13 12.57 -16.14
CA GLY D 5 -2.55 12.82 -15.95
C GLY D 5 -3.35 12.64 -17.22
N GLU D 6 -2.66 12.77 -18.35
CA GLU D 6 -3.27 12.59 -19.66
C GLU D 6 -3.56 11.11 -19.94
N LEU D 7 -2.83 10.23 -19.27
CA LEU D 7 -2.96 8.79 -19.49
C LEU D 7 -4.19 8.20 -18.81
N ILE D 8 -4.68 8.88 -17.77
CA ILE D 8 -5.82 8.39 -17.00
C ILE D 8 -7.11 8.41 -17.84
N TYR D 9 -7.84 7.30 -17.81
CA TYR D 9 -9.06 7.18 -18.60
C TYR D 9 -10.27 7.74 -17.86
N THR D 10 -11.02 8.58 -18.55
CA THR D 10 -12.28 9.09 -18.04
C THR D 10 -13.35 8.58 -19.00
N PRO D 11 -14.56 8.28 -18.49
CA PRO D 11 -15.64 7.96 -19.42
C PRO D 11 -15.95 9.22 -20.23
N ASP D 12 -15.73 10.35 -19.59
CA ASP D 12 -15.74 11.67 -20.20
C ASP D 12 -15.03 11.61 -21.54
N ARG D 13 -13.71 11.36 -21.47
CA ARG D 13 -12.84 11.47 -22.63
C ARG D 13 -12.30 10.12 -23.06
N ALA D 14 -13.14 9.09 -22.96
CA ALA D 14 -12.81 7.77 -23.49
C ALA D 14 -12.99 7.77 -24.99
N GLU D 15 -11.99 7.27 -25.71
CA GLU D 15 -12.08 7.12 -27.16
C GLU D 15 -11.30 5.88 -27.57
N GLY D 16 -11.72 5.23 -28.64
CA GLY D 16 -11.12 4.00 -29.09
C GLY D 16 -11.60 2.78 -28.31
N GLU D 17 -10.67 1.86 -28.03
CA GLU D 17 -10.96 0.67 -27.24
C GLU D 17 -11.33 1.07 -25.80
N ALA D 18 -10.85 2.23 -25.38
CA ALA D 18 -11.14 2.75 -24.04
C ALA D 18 -12.62 3.04 -23.82
N ILE D 19 -13.36 3.25 -24.91
CA ILE D 19 -14.80 3.43 -24.85
C ILE D 19 -15.52 2.15 -24.39
N SER D 20 -15.21 1.03 -25.04
CA SER D 20 -15.86 -0.25 -24.75
C SER D 20 -15.46 -0.87 -23.40
N LYS D 21 -14.24 -0.56 -22.95
CA LYS D 21 -13.74 -1.07 -21.67
C LYS D 21 -14.23 -0.21 -20.51
N ALA D 22 -14.86 0.93 -20.82
CA ALA D 22 -15.19 1.92 -19.81
C ALA D 22 -16.22 1.47 -18.77
N ALA D 23 -17.24 0.74 -19.21
CA ALA D 23 -18.31 0.31 -18.32
C ALA D 23 -17.83 -0.66 -17.23
N THR D 24 -16.85 -1.49 -17.57
CA THR D 24 -16.37 -2.53 -16.65
C THR D 24 -15.13 -2.10 -15.84
N HIS D 25 -14.65 -0.88 -16.05
CA HIS D 25 -13.44 -0.41 -15.37
C HIS D 25 -13.65 0.87 -14.58
N THR D 26 -14.62 1.67 -15.02
CA THR D 26 -14.92 2.94 -14.35
C THR D 26 -15.58 2.71 -13.00
N PRO D 27 -15.01 3.29 -11.94
CA PRO D 27 -15.55 3.17 -10.58
C PRO D 27 -16.94 3.77 -10.45
N LYS D 28 -17.80 3.10 -9.69
CA LYS D 28 -19.13 3.63 -9.37
C LYS D 28 -19.11 4.08 -7.91
N ILE D 29 -19.45 5.35 -7.67
CA ILE D 29 -19.41 5.92 -6.33
C ILE D 29 -20.81 6.16 -5.80
N GLU D 30 -21.11 5.60 -4.65
CA GLU D 30 -22.37 5.90 -3.97
C GLU D 30 -22.02 6.68 -2.72
N ALA D 31 -22.44 7.95 -2.70
CA ALA D 31 -22.19 8.82 -1.55
C ALA D 31 -23.34 9.79 -1.45
N PRO D 32 -23.58 10.33 -0.24
CA PRO D 32 -24.66 11.32 -0.12
C PRO D 32 -24.30 12.59 -0.89
N GLU D 33 -25.31 13.35 -1.27
CA GLU D 33 -25.08 14.62 -1.94
C GLU D 33 -24.61 15.66 -0.93
N LYS D 34 -25.14 15.56 0.29
CA LYS D 34 -24.88 16.55 1.34
C LYS D 34 -24.63 15.88 2.68
N VAL D 35 -23.59 16.34 3.38
CA VAL D 35 -23.22 15.78 4.67
C VAL D 35 -22.92 16.93 5.63
N LYS D 36 -23.01 16.65 6.93
CA LYS D 36 -22.68 17.66 7.93
C LYS D 36 -21.17 17.57 8.19
N ALA D 37 -20.53 18.73 8.36
CA ALA D 37 -19.09 18.76 8.57
C ALA D 37 -18.67 17.91 9.77
N ASP D 38 -17.57 17.18 9.62
CA ASP D 38 -17.01 16.34 10.67
C ASP D 38 -17.94 15.19 11.09
N GLN D 39 -19.02 14.98 10.34
CA GLN D 39 -19.91 13.85 10.61
C GLN D 39 -19.57 12.69 9.67
N PRO D 40 -19.27 11.52 10.25
CA PRO D 40 -18.92 10.33 9.47
C PRO D 40 -20.09 9.83 8.65
N PHE D 41 -19.79 9.44 7.42
CA PHE D 41 -20.78 8.90 6.50
C PHE D 41 -20.05 7.87 5.67
N GLN D 42 -20.78 7.15 4.83
CA GLN D 42 -20.17 6.06 4.09
C GLN D 42 -20.12 6.35 2.61
N VAL D 43 -19.02 5.94 1.99
CA VAL D 43 -18.92 6.00 0.55
C VAL D 43 -18.65 4.59 0.04
N ARG D 44 -19.51 4.10 -0.84
CA ARG D 44 -19.25 2.81 -1.44
C ARG D 44 -18.66 2.99 -2.83
N VAL D 45 -17.57 2.27 -3.09
CA VAL D 45 -16.94 2.32 -4.40
C VAL D 45 -16.87 0.90 -4.95
N SER D 46 -17.41 0.69 -6.14
CA SER D 46 -17.36 -0.64 -6.76
C SER D 46 -17.01 -0.58 -8.25
N VAL D 47 -16.34 -1.62 -8.73
CA VAL D 47 -15.95 -1.72 -10.14
C VAL D 47 -16.43 -3.07 -10.68
N GLY D 48 -16.94 -3.08 -11.91
CA GLY D 48 -17.30 -4.35 -12.51
C GLY D 48 -18.51 -4.26 -13.41
N PRO D 49 -18.99 -5.42 -13.91
CA PRO D 49 -18.40 -6.74 -13.64
C PRO D 49 -17.07 -6.94 -14.36
N HIS D 50 -16.10 -7.48 -13.64
CA HIS D 50 -14.73 -7.55 -14.13
C HIS D 50 -14.08 -8.85 -13.68
N PRO D 51 -13.22 -9.43 -14.55
CA PRO D 51 -12.47 -10.63 -14.15
C PRO D 51 -11.68 -10.42 -12.86
N ASN D 52 -11.51 -11.51 -12.11
CA ASN D 52 -10.74 -11.47 -10.89
C ASN D 52 -9.81 -12.68 -10.79
N GLU D 53 -8.70 -12.63 -11.54
CA GLU D 53 -7.70 -13.69 -11.53
C GLU D 53 -6.29 -13.08 -11.49
N ALA D 54 -5.29 -13.91 -11.18
CA ALA D 54 -3.90 -13.43 -11.03
C ALA D 54 -3.45 -12.66 -12.26
N ALA D 55 -3.83 -13.18 -13.42
CA ALA D 55 -3.45 -12.58 -14.69
C ALA D 55 -4.21 -11.30 -15.03
N HIS D 56 -5.33 -11.06 -14.36
CA HIS D 56 -6.23 -9.97 -14.75
C HIS D 56 -7.27 -9.66 -13.67
N SER D 57 -7.08 -8.56 -12.95
CA SER D 57 -8.03 -8.13 -11.93
C SER D 57 -7.90 -6.63 -11.66
N ILE D 58 -8.86 -6.08 -10.91
CA ILE D 58 -8.75 -4.74 -10.38
C ILE D 58 -7.83 -4.84 -9.16
N ARG D 59 -6.63 -4.27 -9.25
CA ARG D 59 -5.63 -4.47 -8.20
C ARG D 59 -5.87 -3.60 -6.98
N TRP D 60 -6.34 -2.38 -7.23
CA TRP D 60 -6.55 -1.44 -6.15
C TRP D 60 -7.47 -0.28 -6.54
N ILE D 61 -7.92 0.43 -5.52
CA ILE D 61 -8.71 1.64 -5.69
C ILE D 61 -8.11 2.71 -4.76
N GLU D 62 -7.90 3.92 -5.28
CA GLU D 62 -7.48 5.05 -4.45
C GLU D 62 -8.57 6.11 -4.43
N LEU D 63 -8.81 6.69 -3.25
CA LEU D 63 -9.80 7.75 -3.08
C LEU D 63 -9.10 9.08 -2.83
N TYR D 64 -9.42 10.09 -3.63
CA TYR D 64 -8.86 11.42 -3.43
C TYR D 64 -9.99 12.42 -3.24
N PHE D 65 -9.66 13.55 -2.61
CA PHE D 65 -10.66 14.59 -2.40
C PHE D 65 -10.10 15.95 -2.73
N TYR D 66 -10.79 16.66 -3.62
CA TYR D 66 -10.45 18.03 -3.93
C TYR D 66 -11.21 18.94 -2.97
N GLU D 67 -10.48 19.53 -2.02
CA GLU D 67 -11.11 20.36 -1.00
C GLU D 67 -11.18 21.82 -1.44
N GLU D 68 -12.39 22.37 -1.45
CA GLU D 68 -12.62 23.76 -1.83
C GLU D 68 -11.88 24.73 -0.92
N GLY D 69 -11.03 25.56 -1.51
CA GLY D 69 -10.30 26.56 -0.75
C GLY D 69 -8.98 26.10 -0.18
N ARG D 70 -8.61 24.84 -0.40
CA ARG D 70 -7.29 24.37 0.00
C ARG D 70 -6.27 24.90 -1.00
N PRO D 71 -5.14 25.45 -0.49
CA PRO D 71 -4.13 26.07 -1.36
C PRO D 71 -3.46 25.04 -2.25
N PHE D 72 -3.48 23.78 -1.82
CA PHE D 72 -2.99 22.69 -2.64
C PHE D 72 -4.00 21.55 -2.65
N ASN D 73 -3.99 20.78 -3.74
CA ASN D 73 -4.97 19.72 -3.92
C ASN D 73 -4.39 18.62 -4.82
N PRO D 74 -4.91 17.39 -4.70
CA PRO D 74 -5.96 16.99 -3.77
C PRO D 74 -5.42 16.40 -2.47
N VAL D 75 -6.33 15.85 -1.67
CA VAL D 75 -5.97 15.11 -0.48
C VAL D 75 -6.36 13.67 -0.74
N MET D 76 -5.44 12.75 -0.53
CA MET D 76 -5.79 11.33 -0.60
C MET D 76 -6.58 10.99 0.65
N LEU D 77 -7.64 10.20 0.50
CA LEU D 77 -8.47 9.82 1.63
C LEU D 77 -8.12 8.42 2.10
N GLY D 78 -7.93 7.52 1.15
CA GLY D 78 -7.57 6.15 1.48
C GLY D 78 -7.17 5.35 0.25
N ARG D 79 -6.71 4.12 0.48
CA ARG D 79 -6.30 3.24 -0.61
C ARG D 79 -6.58 1.83 -0.17
N VAL D 80 -7.12 1.02 -1.08
CA VAL D 80 -7.44 -0.37 -0.76
C VAL D 80 -6.85 -1.25 -1.85
N ALA D 81 -6.12 -2.28 -1.46
CA ALA D 81 -5.51 -3.21 -2.41
C ALA D 81 -6.23 -4.54 -2.29
N PHE D 82 -6.57 -5.15 -3.43
CA PHE D 82 -7.30 -6.40 -3.43
C PHE D 82 -6.42 -7.55 -3.89
N GLU D 83 -6.55 -8.71 -3.25
CA GLU D 83 -5.87 -9.92 -3.72
C GLU D 83 -6.66 -10.58 -4.83
N PRO D 84 -6.01 -10.88 -5.98
CA PRO D 84 -6.68 -11.53 -7.11
C PRO D 84 -7.40 -12.81 -6.67
N GLY D 85 -8.64 -13.01 -7.11
CA GLY D 85 -9.36 -14.24 -6.87
C GLY D 85 -10.08 -14.32 -5.52
N TYR D 86 -9.65 -13.50 -4.55
CA TYR D 86 -10.25 -13.56 -3.21
C TYR D 86 -11.07 -12.35 -2.80
N ALA D 87 -10.67 -11.16 -3.25
CA ALA D 87 -11.40 -9.95 -2.85
C ALA D 87 -11.97 -9.28 -4.08
N GLU D 88 -13.26 -8.96 -4.04
CA GLU D 88 -13.91 -8.26 -5.14
C GLU D 88 -13.67 -6.77 -5.00
N PRO D 89 -13.60 -6.05 -6.14
CA PRO D 89 -13.39 -4.60 -6.10
C PRO D 89 -14.66 -3.85 -5.71
N ASP D 90 -15.10 -4.06 -4.47
CA ASP D 90 -16.33 -3.44 -3.95
C ASP D 90 -16.02 -3.16 -2.50
N VAL D 91 -16.06 -1.89 -2.12
CA VAL D 91 -15.58 -1.49 -0.79
C VAL D 91 -16.36 -0.27 -0.27
N THR D 92 -16.62 -0.27 1.03
CA THR D 92 -17.26 0.87 1.65
C THR D 92 -16.30 1.53 2.63
N PHE D 93 -16.09 2.83 2.45
CA PHE D 93 -15.24 3.60 3.36
C PHE D 93 -16.13 4.40 4.29
N THR D 94 -15.58 4.81 5.42
CA THR D 94 -16.26 5.76 6.28
C THR D 94 -15.39 7.00 6.33
N LEU D 95 -15.94 8.12 5.88
CA LEU D 95 -15.19 9.36 5.77
C LEU D 95 -15.81 10.41 6.67
N LYS D 96 -15.06 11.48 6.93
CA LYS D 96 -15.65 12.68 7.50
C LYS D 96 -14.95 13.87 6.86
N LEU D 97 -15.73 14.87 6.44
CA LEU D 97 -15.18 16.00 5.72
C LEU D 97 -15.44 17.29 6.50
N LYS D 98 -14.64 18.32 6.25
CA LYS D 98 -14.89 19.60 6.88
C LYS D 98 -15.34 20.67 5.89
N LYS D 99 -15.03 20.47 4.62
CA LYS D 99 -15.44 21.42 3.57
C LYS D 99 -15.95 20.71 2.32
N SER D 100 -16.83 21.39 1.59
CA SER D 100 -17.34 20.86 0.33
C SER D 100 -16.21 20.65 -0.68
N GLY D 101 -16.47 19.80 -1.67
CA GLY D 101 -15.48 19.52 -2.70
C GLY D 101 -15.82 18.36 -3.60
N VAL D 102 -14.81 17.80 -4.24
CA VAL D 102 -15.01 16.77 -5.25
C VAL D 102 -14.29 15.49 -4.87
N LEU D 103 -15.04 14.40 -4.87
CA LEU D 103 -14.50 13.10 -4.51
C LEU D 103 -14.01 12.37 -5.76
N TYR D 104 -12.76 11.90 -5.75
CA TYR D 104 -12.22 11.15 -6.88
C TYR D 104 -11.96 9.69 -6.53
N ALA D 105 -12.36 8.81 -7.44
CA ALA D 105 -12.05 7.38 -7.30
C ALA D 105 -11.22 6.93 -8.48
N ILE D 106 -10.09 6.29 -8.21
CA ILE D 106 -9.19 5.79 -9.26
C ILE D 106 -9.01 4.28 -9.09
N SER D 107 -9.40 3.49 -10.09
CA SER D 107 -9.15 2.06 -10.05
C SER D 107 -8.01 1.71 -10.99
N TYR D 108 -7.24 0.68 -10.65
CA TYR D 108 -6.20 0.17 -11.53
C TYR D 108 -6.45 -1.27 -11.95
N CYS D 109 -6.55 -1.50 -13.25
CA CYS D 109 -6.53 -2.85 -13.78
C CYS D 109 -5.18 -3.09 -14.43
N ASN D 110 -4.56 -4.23 -14.12
CA ASN D 110 -3.21 -4.52 -14.60
C ASN D 110 -3.06 -4.57 -16.13
N LEU D 111 -4.15 -4.84 -16.83
CA LEU D 111 -4.09 -4.87 -18.30
C LEU D 111 -4.65 -3.61 -18.94
N HIS D 112 -5.56 -2.94 -18.24
CA HIS D 112 -6.34 -1.87 -18.85
C HIS D 112 -6.19 -0.49 -18.20
N GLY D 113 -5.21 -0.35 -17.31
CA GLY D 113 -4.81 0.96 -16.81
C GLY D 113 -5.63 1.63 -15.72
N LEU D 114 -5.60 2.96 -15.71
CA LEU D 114 -6.23 3.72 -14.64
C LEU D 114 -7.55 4.32 -15.07
N TRP D 115 -8.55 4.22 -14.20
CA TRP D 115 -9.87 4.76 -14.54
C TRP D 115 -10.38 5.68 -13.42
N GLU D 116 -10.91 6.82 -13.83
CA GLU D 116 -11.34 7.85 -12.90
C GLU D 116 -12.86 8.00 -12.92
N ALA D 117 -13.44 8.25 -11.74
CA ALA D 117 -14.79 8.78 -11.65
C ALA D 117 -14.78 9.88 -10.60
N ARG D 118 -15.79 10.73 -10.62
CA ARG D 118 -15.83 11.80 -9.64
C ARG D 118 -17.26 12.15 -9.22
N LYS D 119 -17.38 12.63 -7.98
CA LYS D 119 -18.67 13.02 -7.45
C LYS D 119 -18.51 14.24 -6.56
N GLU D 120 -19.30 15.28 -6.83
CA GLU D 120 -19.33 16.45 -5.98
C GLU D 120 -20.00 16.11 -4.65
N ILE D 121 -19.42 16.61 -3.56
CA ILE D 121 -20.02 16.49 -2.24
C ILE D 121 -20.15 17.87 -1.61
N LYS D 122 -21.34 18.17 -1.08
CA LYS D 122 -21.57 19.43 -0.38
C LYS D 122 -21.52 19.19 1.12
N VAL D 123 -20.83 20.09 1.83
CA VAL D 123 -20.71 20.00 3.28
C VAL D 123 -21.32 21.25 3.91
N GLU D 124 -22.15 21.06 4.93
CA GLU D 124 -22.85 22.17 5.56
C GLU D 124 -22.33 22.43 6.98
FE FE E . -3.70 4.31 19.78
FE FE F . 7.57 -18.57 -3.79
FE FE G . 5.49 19.52 1.44
FE FE H . -9.54 -5.11 -17.16
#